data_9BVA
#
_entry.id   9BVA
#
_cell.length_a   76.782
_cell.length_b   101.101
_cell.length_c   125.636
_cell.angle_alpha   90.00
_cell.angle_beta   90.00
_cell.angle_gamma   90.00
#
_symmetry.space_group_name_H-M   'I 2 2 2'
#
loop_
_entity.id
_entity.type
_entity.pdbx_description
1 polymer 'Cytochrome P450 3A4'
2 non-polymer 'PROTOPORPHYRIN IX CONTAINING FE'
3 non-polymer "N-[2-(2-chloroethyl)phenyl]-N'-[(2P)-2-(1H-imidazol-1-yl)-5-(trifluoromethyl)phenyl]urea"
#
_entity_poly.entity_id   1
_entity_poly.type   'polypeptide(L)'
_entity_poly.pdbx_seq_one_letter_code
;MALYGTHSHGLFKKLGIPGPTPLPFLGNILSYHKGFCMFDMECHKKYGKVWGFYDGQQPVLAITDPDMIKTVLVKECYSV
FTNRRPFGPVGFMKSAISIAEDEEWKRLRSLLSPTFTSGKLKEMVPIIAQYGDVLVRNLRREAETGKPVTLKDVFGAYSM
DVITSTSFGVNIDSLNNPQDPFVENTKKLLRFDFLDPFFLSITVFPFLIPILEVLNICVFPREVTNFLRKSVKRMKESRL
EDTQKHRVDFLQLMIDSQNSKETESHKALSDLELVAQSIIFIFAGYETTSSVLSFIMYELATHPDVQQKLQEEIDAVLPN
KAPPTYDTVLQMEYLDMVVNETLRLFPIAMRLERVCKKDVEINGMFIPKGVVVMIPSYALHRDPKYWTEPEKFLPERFSK
KNKDNIDPYIYTPFGSGPRNCIGMRFALMNMKLALIRVLQNFSFKPCKETQIPLKLSLGGLLQPEKPVVLKVESRDGTVS
GAHHHH
;
_entity_poly.pdbx_strand_id   A
#
loop_
_chem_comp.id
_chem_comp.type
_chem_comp.name
_chem_comp.formula
A1ASQ non-polymer N-[2-(2-chloroethyl)phenyl]-N'-[(2P)-2-(1H-imidazol-1-yl)-5-(trifluoromethyl)phenyl]urea 'C19 H16 Cl F3 N4 O'
HEM non-polymer 'PROTOPORPHYRIN IX CONTAINING FE' 'C34 H32 Fe N4 O4'
#
# COMPACT_ATOMS: atom_id res chain seq x y z
N THR A 6 -15.38 -28.87 -11.60
CA THR A 6 -16.48 -28.98 -10.64
C THR A 6 -17.65 -28.09 -11.05
N HIS A 7 -18.39 -27.58 -10.05
CA HIS A 7 -19.59 -26.81 -10.34
C HIS A 7 -19.29 -25.54 -11.10
N SER A 8 -18.60 -24.60 -10.45
CA SER A 8 -18.24 -23.31 -11.06
C SER A 8 -16.82 -23.32 -11.60
N HIS A 9 -16.50 -24.28 -12.47
CA HIS A 9 -15.20 -24.33 -13.11
C HIS A 9 -15.25 -24.26 -14.63
N GLY A 10 -16.43 -24.38 -15.22
CA GLY A 10 -16.55 -24.23 -16.67
C GLY A 10 -17.12 -22.89 -17.07
N LEU A 11 -17.11 -21.94 -16.13
CA LEU A 11 -17.67 -20.62 -16.41
C LEU A 11 -16.90 -19.90 -17.51
N PHE A 12 -15.57 -19.96 -17.45
CA PHE A 12 -14.76 -19.30 -18.48
C PHE A 12 -14.77 -20.07 -19.79
N LYS A 13 -15.15 -21.34 -19.78
CA LYS A 13 -15.24 -22.10 -21.03
C LYS A 13 -16.44 -21.64 -21.86
N LYS A 14 -17.58 -21.41 -21.22
CA LYS A 14 -18.78 -21.01 -21.96
C LYS A 14 -18.65 -19.61 -22.52
N LEU A 15 -17.85 -18.75 -21.90
CA LEU A 15 -17.61 -17.40 -22.40
C LEU A 15 -16.49 -17.34 -23.42
N GLY A 16 -15.85 -18.47 -23.74
CA GLY A 16 -14.76 -18.47 -24.68
C GLY A 16 -13.56 -17.67 -24.23
N ILE A 17 -13.22 -17.77 -22.95
CA ILE A 17 -12.11 -17.02 -22.35
C ILE A 17 -10.98 -18.01 -22.05
N PRO A 18 -9.77 -17.75 -22.51
CA PRO A 18 -8.66 -18.67 -22.23
C PRO A 18 -8.19 -18.54 -20.79
N GLY A 19 -7.32 -19.48 -20.41
CA GLY A 19 -6.78 -19.52 -19.07
C GLY A 19 -6.29 -20.91 -18.71
N PRO A 20 -5.44 -21.00 -17.69
CA PRO A 20 -4.94 -22.32 -17.27
C PRO A 20 -6.08 -23.21 -16.79
N THR A 21 -6.03 -24.47 -17.19
CA THR A 21 -7.10 -25.41 -16.85
C THR A 21 -7.07 -25.68 -15.34
N PRO A 22 -8.19 -25.52 -14.64
CA PRO A 22 -8.19 -25.71 -13.20
C PRO A 22 -8.41 -27.15 -12.77
N LEU A 23 -7.74 -27.51 -11.67
CA LEU A 23 -7.97 -28.81 -11.04
C LEU A 23 -9.13 -28.72 -10.06
N PRO A 24 -9.86 -29.83 -9.85
CA PRO A 24 -11.01 -29.78 -8.94
C PRO A 24 -10.60 -29.42 -7.53
N PHE A 25 -11.48 -28.65 -6.86
CA PHE A 25 -11.38 -28.30 -5.44
C PHE A 25 -10.27 -27.30 -5.16
N LEU A 26 -9.41 -27.01 -6.13
CA LEU A 26 -8.31 -26.08 -5.93
C LEU A 26 -8.21 -25.00 -6.99
N GLY A 27 -8.81 -25.19 -8.17
CA GLY A 27 -8.68 -24.19 -9.22
C GLY A 27 -7.25 -24.10 -9.69
N ASN A 28 -6.68 -22.91 -9.60
CA ASN A 28 -5.31 -22.64 -10.07
C ASN A 28 -4.42 -22.15 -8.94
N ILE A 29 -4.74 -22.53 -7.69
CA ILE A 29 -3.92 -22.08 -6.56
C ILE A 29 -2.52 -22.69 -6.64
N LEU A 30 -2.38 -23.85 -7.26
CA LEU A 30 -1.06 -24.46 -7.39
C LEU A 30 -0.12 -23.61 -8.22
N SER A 31 -0.68 -22.80 -9.13
CA SER A 31 0.14 -21.90 -9.94
C SER A 31 0.72 -20.75 -9.14
N TYR A 32 0.29 -20.57 -7.89
CA TYR A 32 0.82 -19.53 -7.02
C TYR A 32 2.17 -19.92 -6.41
N HIS A 33 2.75 -21.05 -6.78
CA HIS A 33 4.04 -21.44 -6.24
C HIS A 33 5.12 -20.44 -6.62
N LYS A 34 4.96 -19.76 -7.76
CA LYS A 34 5.87 -18.69 -8.16
C LYS A 34 5.50 -17.34 -7.57
N GLY A 35 4.32 -17.21 -6.98
CA GLY A 35 3.86 -15.95 -6.43
C GLY A 35 2.80 -15.30 -7.30
N PHE A 36 2.15 -14.29 -6.71
CA PHE A 36 1.10 -13.56 -7.43
C PHE A 36 1.67 -12.85 -8.66
N CYS A 37 2.82 -12.21 -8.51
CA CYS A 37 3.37 -11.40 -9.60
C CYS A 37 3.89 -12.27 -10.74
N MET A 38 4.63 -13.33 -10.41
CA MET A 38 5.18 -14.19 -11.44
C MET A 38 4.07 -14.91 -12.19
N PHE A 39 3.00 -15.31 -11.49
CA PHE A 39 1.88 -15.97 -12.16
C PHE A 39 1.16 -15.04 -13.12
N ASP A 40 0.99 -13.77 -12.72
CA ASP A 40 0.26 -12.82 -13.56
C ASP A 40 1.01 -12.54 -14.85
N MET A 41 2.33 -12.32 -14.76
CA MET A 41 3.10 -11.99 -15.96
C MET A 41 3.11 -13.15 -16.95
N GLU A 42 3.25 -14.38 -16.45
CA GLU A 42 3.20 -15.54 -17.33
C GLU A 42 1.84 -15.66 -18.00
N CYS A 43 0.75 -15.43 -17.25
CA CYS A 43 -0.58 -15.48 -17.83
C CYS A 43 -0.76 -14.41 -18.90
N HIS A 44 -0.21 -13.21 -18.66
CA HIS A 44 -0.28 -12.16 -19.67
C HIS A 44 0.45 -12.57 -20.93
N LYS A 45 1.59 -13.25 -20.80
CA LYS A 45 2.35 -13.68 -21.96
C LYS A 45 1.60 -14.74 -22.76
N LYS A 46 1.11 -15.79 -22.10
CA LYS A 46 0.56 -16.95 -22.76
C LYS A 46 -0.92 -16.83 -23.09
N TYR A 47 -1.57 -15.73 -22.71
CA TYR A 47 -3.00 -15.57 -22.96
C TYR A 47 -3.40 -14.22 -23.54
N GLY A 48 -2.52 -13.22 -23.52
CA GLY A 48 -2.82 -11.96 -24.18
C GLY A 48 -3.32 -10.86 -23.26
N LYS A 49 -4.52 -10.34 -23.54
CA LYS A 49 -5.04 -9.20 -22.81
C LYS A 49 -6.17 -9.54 -21.85
N VAL A 50 -6.91 -10.62 -22.08
CA VAL A 50 -8.00 -11.03 -21.20
C VAL A 50 -7.92 -12.53 -20.97
N TRP A 51 -7.77 -12.94 -19.72
CA TRP A 51 -7.75 -14.35 -19.36
C TRP A 51 -8.49 -14.53 -18.04
N GLY A 52 -8.50 -15.76 -17.54
CA GLY A 52 -9.18 -16.06 -16.29
C GLY A 52 -8.61 -17.27 -15.60
N PHE A 53 -8.90 -17.37 -14.31
CA PHE A 53 -8.45 -18.49 -13.50
C PHE A 53 -9.38 -18.60 -12.30
N TYR A 54 -9.13 -19.60 -11.45
CA TYR A 54 -10.01 -19.91 -10.33
C TYR A 54 -9.22 -19.94 -9.04
N ASP A 55 -9.59 -19.07 -8.10
CA ASP A 55 -9.08 -19.13 -6.73
C ASP A 55 -9.99 -20.09 -5.97
N GLY A 56 -9.68 -21.38 -6.05
CA GLY A 56 -10.58 -22.40 -5.57
C GLY A 56 -11.78 -22.52 -6.50
N GLN A 57 -12.97 -22.21 -5.99
CA GLN A 57 -14.17 -22.15 -6.81
C GLN A 57 -14.49 -20.74 -7.28
N GLN A 58 -13.72 -19.74 -6.85
CA GLN A 58 -13.99 -18.36 -7.22
C GLN A 58 -13.39 -18.06 -8.58
N PRO A 59 -14.19 -17.67 -9.58
CA PRO A 59 -13.62 -17.30 -10.88
C PRO A 59 -13.08 -15.88 -10.85
N VAL A 60 -11.86 -15.71 -11.35
CA VAL A 60 -11.18 -14.41 -11.38
C VAL A 60 -10.86 -14.08 -12.83
N LEU A 61 -11.41 -12.97 -13.32
CA LEU A 61 -11.17 -12.52 -14.69
C LEU A 61 -10.17 -11.36 -14.67
N ALA A 62 -9.15 -11.47 -15.52
CA ALA A 62 -8.11 -10.45 -15.62
C ALA A 62 -8.33 -9.60 -16.86
N ILE A 63 -8.17 -8.28 -16.70
CA ILE A 63 -8.31 -7.33 -17.79
C ILE A 63 -7.06 -6.48 -17.86
N THR A 64 -6.64 -6.15 -19.08
CA THR A 64 -5.50 -5.25 -19.29
C THR A 64 -5.80 -4.11 -20.24
N ASP A 65 -6.97 -4.08 -20.87
CA ASP A 65 -7.31 -3.00 -21.77
C ASP A 65 -7.50 -1.71 -20.98
N PRO A 66 -6.82 -0.61 -21.35
CA PRO A 66 -6.93 0.62 -20.55
C PRO A 66 -8.34 1.15 -20.42
N ASP A 67 -9.14 1.04 -21.49
CA ASP A 67 -10.54 1.47 -21.40
C ASP A 67 -11.36 0.51 -20.56
N MET A 68 -11.07 -0.79 -20.63
CA MET A 68 -11.77 -1.76 -19.79
C MET A 68 -11.44 -1.56 -18.32
N ILE A 69 -10.18 -1.25 -18.02
CA ILE A 69 -9.81 -0.93 -16.63
C ILE A 69 -10.47 0.37 -16.19
N LYS A 70 -10.60 1.33 -17.11
CA LYS A 70 -11.26 2.60 -16.78
C LYS A 70 -12.73 2.38 -16.46
N THR A 71 -13.39 1.47 -17.18
CA THR A 71 -14.81 1.20 -16.95
C THR A 71 -15.03 0.52 -15.61
N VAL A 72 -14.12 -0.36 -15.19
CA VAL A 72 -14.30 -1.11 -13.95
C VAL A 72 -14.02 -0.23 -12.74
N LEU A 73 -12.94 0.54 -12.77
CA LEU A 73 -12.52 1.30 -11.60
C LEU A 73 -13.20 2.64 -11.46
N VAL A 74 -13.60 3.28 -12.57
CA VAL A 74 -14.10 4.64 -12.52
C VAL A 74 -15.54 4.73 -12.99
N LYS A 75 -15.77 4.38 -14.26
CA LYS A 75 -17.08 4.61 -14.89
C LYS A 75 -18.19 3.83 -14.21
N GLU A 76 -18.14 2.50 -14.30
CA GLU A 76 -19.16 1.64 -13.71
C GLU A 76 -18.75 1.15 -12.32
N CYS A 77 -18.37 2.08 -11.45
CA CYS A 77 -17.91 1.70 -10.11
C CYS A 77 -19.04 1.66 -9.10
N TYR A 78 -19.79 2.75 -8.98
CA TYR A 78 -20.91 2.78 -8.04
C TYR A 78 -21.98 1.77 -8.42
N SER A 79 -22.11 1.46 -9.71
CA SER A 79 -23.19 0.59 -10.18
C SER A 79 -22.85 -0.88 -10.01
N VAL A 80 -21.73 -1.32 -10.58
CA VAL A 80 -21.37 -2.73 -10.65
C VAL A 80 -20.14 -3.05 -9.81
N PHE A 81 -18.98 -2.49 -10.16
CA PHE A 81 -17.72 -2.83 -9.50
C PHE A 81 -17.49 -1.89 -8.33
N THR A 82 -18.14 -2.20 -7.22
CA THR A 82 -18.14 -1.35 -6.04
C THR A 82 -17.26 -1.85 -4.91
N ASN A 83 -17.19 -3.16 -4.71
CA ASN A 83 -16.52 -3.74 -3.56
C ASN A 83 -15.39 -4.67 -3.99
N ARG A 84 -14.53 -4.99 -3.03
CA ARG A 84 -13.46 -5.96 -3.23
C ARG A 84 -13.89 -7.32 -2.69
N ARG A 85 -13.07 -8.32 -2.98
CA ARG A 85 -13.37 -9.68 -2.52
C ARG A 85 -13.09 -9.79 -1.03
N PRO A 86 -14.02 -10.32 -0.24
CA PRO A 86 -13.74 -10.56 1.18
C PRO A 86 -12.57 -11.52 1.34
N PHE A 87 -11.71 -11.23 2.32
CA PHE A 87 -10.44 -11.94 2.45
C PHE A 87 -10.34 -12.79 3.71
N GLY A 88 -11.34 -12.76 4.59
CA GLY A 88 -11.32 -13.60 5.76
C GLY A 88 -12.17 -13.08 6.89
N PRO A 89 -12.13 -13.77 8.03
CA PRO A 89 -12.92 -13.32 9.19
C PRO A 89 -12.45 -11.95 9.67
N VAL A 90 -13.37 -10.98 9.60
CA VAL A 90 -13.02 -9.58 9.79
C VAL A 90 -13.35 -9.12 11.21
N GLY A 91 -14.41 -9.68 11.79
CA GLY A 91 -14.80 -9.26 13.12
C GLY A 91 -15.46 -7.89 13.12
N PHE A 92 -15.21 -7.13 14.19
CA PHE A 92 -15.76 -5.79 14.31
C PHE A 92 -15.20 -4.84 13.26
N MET A 93 -14.07 -5.19 12.63
CA MET A 93 -13.42 -4.39 11.61
C MET A 93 -14.19 -4.36 10.30
N LYS A 94 -15.40 -4.94 10.22
CA LYS A 94 -16.20 -4.80 9.01
C LYS A 94 -16.64 -3.36 8.76
N SER A 95 -16.51 -2.49 9.76
CA SER A 95 -16.81 -1.07 9.62
C SER A 95 -15.62 -0.28 9.09
N ALA A 96 -14.54 -0.95 8.70
CA ALA A 96 -13.40 -0.28 8.10
C ALA A 96 -13.70 0.10 6.65
N ILE A 97 -13.18 1.26 6.24
CA ILE A 97 -13.47 1.75 4.89
C ILE A 97 -12.88 0.81 3.84
N SER A 98 -11.72 0.22 4.13
CA SER A 98 -11.13 -0.75 3.21
C SER A 98 -11.99 -1.99 3.07
N ILE A 99 -12.74 -2.33 4.12
CA ILE A 99 -13.53 -3.56 4.13
C ILE A 99 -15.03 -3.29 3.99
N ALA A 100 -15.49 -2.07 4.26
CA ALA A 100 -16.91 -1.76 4.09
C ALA A 100 -17.32 -1.89 2.63
N GLU A 101 -18.62 -2.14 2.43
CA GLU A 101 -19.14 -2.42 1.10
C GLU A 101 -20.36 -1.56 0.80
N ASP A 102 -20.46 -1.11 -0.46
CA ASP A 102 -21.62 -0.43 -1.02
C ASP A 102 -21.96 0.79 -0.18
N GLU A 103 -23.13 0.83 0.47
CA GLU A 103 -23.62 2.05 1.12
C GLU A 103 -22.80 2.40 2.34
N GLU A 104 -22.38 1.39 3.11
CA GLU A 104 -21.54 1.67 4.27
C GLU A 104 -20.21 2.29 3.85
N TRP A 105 -19.62 1.80 2.76
CA TRP A 105 -18.36 2.38 2.29
C TRP A 105 -18.54 3.80 1.80
N LYS A 106 -19.59 4.05 1.00
CA LYS A 106 -19.80 5.39 0.44
C LYS A 106 -20.01 6.41 1.55
N ARG A 107 -20.78 6.06 2.57
CA ARG A 107 -20.94 6.94 3.72
C ARG A 107 -19.63 7.11 4.48
N LEU A 108 -18.89 6.02 4.67
CA LEU A 108 -17.63 6.09 5.40
C LEU A 108 -16.58 6.90 4.62
N ARG A 109 -16.55 6.74 3.29
CA ARG A 109 -15.59 7.50 2.50
C ARG A 109 -15.91 8.99 2.49
N SER A 110 -17.20 9.33 2.40
CA SER A 110 -17.59 10.73 2.49
C SER A 110 -17.25 11.32 3.86
N LEU A 111 -17.48 10.54 4.92
CA LEU A 111 -17.16 11.00 6.27
C LEU A 111 -15.65 11.02 6.54
N LEU A 112 -14.83 10.47 5.65
CA LEU A 112 -13.39 10.44 5.84
C LEU A 112 -12.59 11.16 4.76
N SER A 113 -13.23 11.54 3.65
CA SER A 113 -12.50 12.24 2.59
C SER A 113 -11.91 13.58 3.05
N PRO A 114 -12.63 14.46 3.74
CA PRO A 114 -12.01 15.73 4.14
C PRO A 114 -10.82 15.58 5.08
N THR A 115 -10.69 14.43 5.74
CA THR A 115 -9.51 14.17 6.56
C THR A 115 -8.23 14.16 5.74
N PHE A 116 -8.32 13.89 4.44
CA PHE A 116 -7.16 13.79 3.56
C PHE A 116 -7.12 14.93 2.54
N THR A 117 -7.61 16.11 2.92
CA THR A 117 -7.53 17.26 2.06
C THR A 117 -6.09 17.72 1.89
N SER A 118 -5.80 18.39 0.77
CA SER A 118 -4.48 18.94 0.56
C SER A 118 -4.13 19.94 1.64
N GLY A 119 -5.10 20.75 2.07
CA GLY A 119 -4.86 21.67 3.18
C GLY A 119 -4.59 20.95 4.49
N LYS A 120 -5.38 19.92 4.79
CA LYS A 120 -5.15 19.15 6.01
C LYS A 120 -3.80 18.45 5.97
N LEU A 121 -3.32 18.08 4.78
CA LEU A 121 -1.99 17.50 4.66
C LEU A 121 -0.91 18.53 4.96
N LYS A 122 -1.11 19.78 4.53
CA LYS A 122 -0.11 20.81 4.77
C LYS A 122 0.07 21.08 6.26
N GLU A 123 -1.02 21.02 7.03
CA GLU A 123 -0.93 21.22 8.47
C GLU A 123 -0.20 20.07 9.17
N MET A 124 -0.04 18.94 8.50
CA MET A 124 0.67 17.81 9.08
C MET A 124 2.16 17.80 8.75
N VAL A 125 2.61 18.64 7.83
CA VAL A 125 4.03 18.65 7.44
C VAL A 125 4.94 18.98 8.61
N PRO A 126 4.68 20.01 9.43
CA PRO A 126 5.59 20.27 10.56
C PRO A 126 5.70 19.12 11.54
N ILE A 127 4.66 18.31 11.69
CA ILE A 127 4.71 17.19 12.63
C ILE A 127 5.53 16.05 12.05
N ILE A 128 5.30 15.71 10.78
CA ILE A 128 6.08 14.65 10.14
C ILE A 128 7.54 15.06 10.04
N ALA A 129 7.81 16.36 9.96
CA ALA A 129 9.19 16.84 9.86
C ALA A 129 9.99 16.53 11.11
N GLN A 130 9.34 16.46 12.27
CA GLN A 130 10.06 16.26 13.53
C GLN A 130 10.76 14.91 13.56
N TYR A 131 10.11 13.86 13.06
CA TYR A 131 10.68 12.53 13.11
C TYR A 131 11.69 12.26 12.00
N GLY A 132 11.71 13.10 10.96
CA GLY A 132 12.83 13.06 10.03
C GLY A 132 14.14 13.38 10.72
N ASP A 133 14.10 14.31 11.68
CA ASP A 133 15.29 14.59 12.49
C ASP A 133 15.55 13.46 13.47
N VAL A 134 14.50 12.85 14.02
CA VAL A 134 14.68 11.67 14.86
C VAL A 134 15.22 10.52 14.03
N LEU A 135 14.79 10.42 12.77
CA LEU A 135 15.31 9.38 11.89
C LEU A 135 16.80 9.56 11.64
N VAL A 136 17.23 10.80 11.41
CA VAL A 136 18.64 11.06 11.12
C VAL A 136 19.51 10.70 12.32
N ARG A 137 19.07 11.06 13.53
CA ARG A 137 19.85 10.76 14.73
C ARG A 137 20.08 9.26 14.88
N ASN A 138 19.01 8.46 14.76
CA ASN A 138 19.17 7.02 14.82
C ASN A 138 19.98 6.49 13.65
N LEU A 139 19.89 7.15 12.49
CA LEU A 139 20.70 6.75 11.35
C LEU A 139 22.16 7.12 11.54
N ARG A 140 22.43 8.20 12.27
CA ARG A 140 23.82 8.64 12.48
C ARG A 140 24.62 7.58 13.24
N ARG A 141 24.06 7.06 14.33
CA ARG A 141 24.74 6.01 15.09
C ARG A 141 24.85 4.73 14.27
N GLU A 142 23.86 4.43 13.44
CA GLU A 142 23.94 3.26 12.57
C GLU A 142 25.04 3.39 11.54
N ALA A 143 25.36 4.61 11.12
CA ALA A 143 26.41 4.84 10.13
C ALA A 143 27.79 4.93 10.76
N GLU A 144 27.89 5.39 12.01
CA GLU A 144 29.17 5.50 12.68
C GLU A 144 29.72 4.15 13.15
N THR A 145 28.86 3.13 13.22
CA THR A 145 29.32 1.80 13.63
C THR A 145 30.14 1.10 12.55
N GLY A 146 30.14 1.62 11.32
CA GLY A 146 30.91 0.99 10.27
C GLY A 146 30.37 -0.32 9.77
N LYS A 147 29.08 -0.58 9.98
CA LYS A 147 28.45 -1.83 9.58
C LYS A 147 27.19 -1.54 8.78
N PRO A 148 26.79 -2.46 7.90
CA PRO A 148 25.58 -2.25 7.10
C PRO A 148 24.34 -2.15 7.97
N VAL A 149 23.35 -1.40 7.48
CA VAL A 149 22.12 -1.15 8.21
C VAL A 149 20.94 -1.66 7.39
N THR A 150 20.00 -2.31 8.07
CA THR A 150 18.79 -2.80 7.40
C THR A 150 17.78 -1.67 7.29
N LEU A 151 17.32 -1.41 6.06
CA LEU A 151 16.42 -0.29 5.82
C LEU A 151 15.04 -0.53 6.42
N LYS A 152 14.61 -1.79 6.50
CA LYS A 152 13.27 -2.08 7.00
C LYS A 152 13.10 -1.67 8.46
N ASP A 153 14.17 -1.74 9.25
CA ASP A 153 14.06 -1.39 10.65
C ASP A 153 14.13 0.11 10.88
N VAL A 154 15.05 0.80 10.19
CA VAL A 154 15.16 2.24 10.32
C VAL A 154 13.92 2.92 9.78
N PHE A 155 13.45 2.47 8.62
CA PHE A 155 12.20 3.02 8.07
C PHE A 155 10.99 2.55 8.87
N GLY A 156 11.00 1.30 9.32
CA GLY A 156 9.90 0.81 10.14
C GLY A 156 9.76 1.61 11.43
N ALA A 157 10.89 2.02 12.02
CA ALA A 157 10.84 2.92 13.16
C ALA A 157 10.31 4.29 12.76
N TYR A 158 10.67 4.76 11.56
CA TYR A 158 10.18 6.06 11.11
C TYR A 158 8.68 6.04 10.87
N SER A 159 8.19 5.08 10.08
CA SER A 159 6.77 5.04 9.76
C SER A 159 5.92 4.85 11.01
N MET A 160 6.42 4.06 11.96
CA MET A 160 5.73 3.92 13.24
C MET A 160 5.64 5.26 13.96
N ASP A 161 6.75 6.01 13.98
CA ASP A 161 6.73 7.32 14.63
C ASP A 161 5.79 8.28 13.92
N VAL A 162 5.72 8.22 12.59
CA VAL A 162 4.83 9.09 11.84
C VAL A 162 3.37 8.72 12.13
N ILE A 163 3.04 7.43 12.09
CA ILE A 163 1.66 7.00 12.25
C ILE A 163 1.15 7.36 13.64
N THR A 164 1.96 7.11 14.68
CA THR A 164 1.53 7.40 16.04
C THR A 164 1.27 8.90 16.23
N SER A 165 2.14 9.75 15.67
CA SER A 165 1.97 11.18 15.82
C SER A 165 0.91 11.76 14.89
N THR A 166 0.58 11.07 13.80
CA THR A 166 -0.45 11.56 12.90
C THR A 166 -1.83 11.03 13.26
N SER A 167 -1.93 9.74 13.57
CA SER A 167 -3.22 9.18 13.97
C SER A 167 -3.63 9.71 15.34
N PHE A 168 -2.69 9.83 16.27
CA PHE A 168 -2.99 10.25 17.64
C PHE A 168 -1.93 11.26 18.06
N GLY A 169 -1.93 11.61 19.35
CA GLY A 169 -0.99 12.59 19.87
C GLY A 169 0.23 11.97 20.52
N VAL A 170 0.49 10.70 20.24
CA VAL A 170 1.59 9.98 20.87
C VAL A 170 2.88 10.31 20.13
N ASN A 171 3.82 10.95 20.83
CA ASN A 171 5.10 11.32 20.25
C ASN A 171 6.19 10.48 20.91
N ILE A 172 6.78 9.57 20.13
CA ILE A 172 7.69 8.55 20.65
C ILE A 172 8.89 8.39 19.73
N ASP A 173 9.93 7.75 20.25
CA ASP A 173 11.10 7.33 19.49
C ASP A 173 11.12 5.81 19.54
N SER A 174 10.50 5.18 18.55
CA SER A 174 10.30 3.73 18.58
C SER A 174 11.62 2.97 18.47
N LEU A 175 12.58 3.50 17.72
CA LEU A 175 13.86 2.80 17.57
C LEU A 175 14.62 2.73 18.88
N ASN A 176 14.50 3.77 19.72
CA ASN A 176 15.21 3.81 20.99
C ASN A 176 14.34 3.44 22.19
N ASN A 177 13.01 3.45 22.05
CA ASN A 177 12.09 3.11 23.13
C ASN A 177 11.09 2.07 22.65
N PRO A 178 11.54 0.81 22.46
CA PRO A 178 10.65 -0.26 21.99
C PRO A 178 9.89 -0.95 23.13
N GLN A 179 9.32 -0.15 24.02
CA GLN A 179 8.55 -0.68 25.14
C GLN A 179 7.23 0.04 25.36
N ASP A 180 6.99 1.16 24.68
CA ASP A 180 5.70 1.83 24.79
C ASP A 180 4.60 0.91 24.24
N PRO A 181 3.46 0.81 24.92
CA PRO A 181 2.42 -0.12 24.46
C PRO A 181 1.93 0.17 23.06
N PHE A 182 1.99 1.43 22.61
CA PHE A 182 1.63 1.75 21.23
C PHE A 182 2.57 1.05 20.25
N VAL A 183 3.88 1.23 20.44
CA VAL A 183 4.85 0.66 19.51
C VAL A 183 4.82 -0.87 19.56
N GLU A 184 4.58 -1.45 20.75
CA GLU A 184 4.61 -2.90 20.88
C GLU A 184 3.52 -3.57 20.05
N ASN A 185 2.27 -3.19 20.27
CA ASN A 185 1.16 -3.85 19.59
C ASN A 185 1.15 -3.52 18.10
N THR A 186 1.30 -2.24 17.76
CA THR A 186 1.19 -1.82 16.37
C THR A 186 2.27 -2.43 15.48
N LYS A 187 3.38 -2.89 16.06
CA LYS A 187 4.40 -3.57 15.29
C LYS A 187 3.93 -4.92 14.76
N LYS A 188 2.81 -5.44 15.25
CA LYS A 188 2.25 -6.71 14.79
C LYS A 188 1.21 -6.53 13.69
N LEU A 189 1.04 -5.30 13.19
CA LEU A 189 0.08 -5.03 12.11
C LEU A 189 0.80 -5.07 10.75
N LEU A 190 1.31 -6.24 10.42
CA LEU A 190 2.03 -6.46 9.17
C LEU A 190 1.06 -6.89 8.06
N ARG A 191 1.51 -6.74 6.83
CA ARG A 191 0.68 -7.04 5.66
C ARG A 191 0.21 -8.50 5.70
N PHE A 192 -0.84 -8.77 4.93
CA PHE A 192 -1.46 -10.09 4.88
C PHE A 192 -0.81 -10.91 3.77
N ASP A 193 -0.09 -11.96 4.16
CA ASP A 193 0.51 -12.89 3.20
C ASP A 193 -0.60 -13.83 2.73
N PHE A 194 -1.27 -13.44 1.65
CA PHE A 194 -2.43 -14.19 1.17
C PHE A 194 -2.07 -15.55 0.57
N LEU A 195 -0.78 -15.93 0.56
CA LEU A 195 -0.36 -17.24 0.11
C LEU A 195 0.15 -18.11 1.26
N ASP A 196 -0.13 -17.71 2.50
CA ASP A 196 0.28 -18.48 3.67
C ASP A 196 -0.72 -19.61 3.92
N PRO A 197 -0.42 -20.51 4.86
CA PRO A 197 -1.37 -21.60 5.13
C PRO A 197 -2.78 -21.14 5.48
N PHE A 198 -2.92 -19.99 6.15
CA PHE A 198 -4.24 -19.53 6.56
C PHE A 198 -5.05 -19.03 5.36
N PHE A 199 -4.55 -17.99 4.68
CA PHE A 199 -5.32 -17.35 3.62
C PHE A 199 -5.52 -18.27 2.42
N LEU A 200 -4.53 -19.11 2.10
CA LEU A 200 -4.72 -20.07 1.02
C LEU A 200 -5.89 -21.02 1.31
N SER A 201 -6.00 -21.46 2.57
CA SER A 201 -7.07 -22.37 2.94
C SER A 201 -8.44 -21.70 2.80
N ILE A 202 -8.59 -20.49 3.31
CA ILE A 202 -9.89 -19.82 3.24
C ILE A 202 -10.20 -19.34 1.83
N THR A 203 -9.19 -19.13 0.99
CA THR A 203 -9.44 -18.86 -0.42
C THR A 203 -9.99 -20.10 -1.11
N VAL A 204 -9.38 -21.26 -0.84
CA VAL A 204 -9.91 -22.52 -1.36
C VAL A 204 -11.20 -22.90 -0.64
N PHE A 205 -11.34 -22.53 0.63
CA PHE A 205 -12.50 -22.87 1.45
C PHE A 205 -13.14 -21.59 1.97
N PRO A 206 -13.84 -20.83 1.12
CA PRO A 206 -14.54 -19.64 1.61
C PRO A 206 -15.66 -19.97 2.59
N PHE A 207 -16.15 -21.21 2.60
CA PHE A 207 -17.19 -21.60 3.55
C PHE A 207 -16.69 -21.60 4.98
N LEU A 208 -15.37 -21.58 5.20
CA LEU A 208 -14.82 -21.53 6.54
C LEU A 208 -14.81 -20.13 7.12
N ILE A 209 -14.95 -19.10 6.28
CA ILE A 209 -14.93 -17.72 6.78
C ILE A 209 -16.03 -17.44 7.80
N PRO A 210 -17.31 -17.77 7.54
CA PRO A 210 -18.33 -17.54 8.57
C PRO A 210 -18.10 -18.36 9.82
N ILE A 211 -17.46 -19.53 9.71
CA ILE A 211 -17.18 -20.34 10.89
C ILE A 211 -16.15 -19.66 11.78
N LEU A 212 -15.11 -19.08 11.18
CA LEU A 212 -14.10 -18.38 11.96
C LEU A 212 -14.67 -17.14 12.64
N GLU A 213 -15.72 -16.56 12.06
CA GLU A 213 -16.33 -15.37 12.67
C GLU A 213 -17.03 -15.70 13.98
N VAL A 214 -17.79 -16.80 14.01
CA VAL A 214 -18.50 -17.16 15.23
C VAL A 214 -17.54 -17.67 16.31
N LEU A 215 -16.36 -18.17 15.92
CA LEU A 215 -15.32 -18.48 16.87
C LEU A 215 -14.60 -17.25 17.39
N ASN A 216 -14.99 -16.06 16.91
CA ASN A 216 -14.34 -14.79 17.25
C ASN A 216 -12.83 -14.85 16.94
N ILE A 217 -12.50 -15.43 15.80
CA ILE A 217 -11.12 -15.47 15.30
C ILE A 217 -10.98 -14.36 14.28
N CYS A 218 -10.51 -13.20 14.71
CA CYS A 218 -10.34 -12.06 13.83
C CYS A 218 -9.04 -12.20 13.03
N VAL A 219 -9.06 -11.64 11.82
CA VAL A 219 -7.86 -11.66 10.99
C VAL A 219 -6.79 -10.74 11.55
N PHE A 220 -7.20 -9.71 12.30
CA PHE A 220 -6.25 -8.86 13.01
C PHE A 220 -6.04 -9.39 14.42
N PRO A 221 -4.81 -9.29 14.95
CA PRO A 221 -4.55 -9.77 16.32
C PRO A 221 -5.50 -9.14 17.32
N ARG A 222 -6.29 -9.98 18.00
CA ARG A 222 -7.32 -9.47 18.89
C ARG A 222 -6.75 -8.63 20.02
N GLU A 223 -5.53 -8.95 20.47
CA GLU A 223 -4.90 -8.17 21.53
C GLU A 223 -4.67 -6.73 21.08
N VAL A 224 -4.17 -6.55 19.85
CA VAL A 224 -3.92 -5.20 19.34
C VAL A 224 -5.23 -4.44 19.18
N THR A 225 -6.25 -5.09 18.63
CA THR A 225 -7.51 -4.41 18.35
C THR A 225 -8.17 -3.89 19.62
N ASN A 226 -8.32 -4.76 20.62
CA ASN A 226 -8.98 -4.35 21.86
C ASN A 226 -8.15 -3.32 22.61
N PHE A 227 -6.82 -3.44 22.58
CA PHE A 227 -5.96 -2.44 23.20
C PHE A 227 -6.15 -1.08 22.54
N LEU A 228 -6.18 -1.05 21.21
CA LEU A 228 -6.40 0.20 20.50
C LEU A 228 -7.82 0.70 20.69
N ARG A 229 -8.79 -0.21 20.78
CA ARG A 229 -10.15 0.18 21.11
C ARG A 229 -10.22 0.83 22.49
N LYS A 230 -9.37 0.40 23.42
CA LYS A 230 -9.32 1.01 24.74
C LYS A 230 -8.51 2.30 24.73
N SER A 231 -7.34 2.27 24.08
CA SER A 231 -6.48 3.45 24.06
C SER A 231 -7.22 4.66 23.49
N VAL A 232 -7.98 4.46 22.42
CA VAL A 232 -8.75 5.55 21.83
C VAL A 232 -9.75 6.10 22.84
N LYS A 233 -10.46 5.21 23.54
CA LYS A 233 -11.45 5.64 24.52
C LYS A 233 -10.85 6.58 25.56
N ARG A 234 -9.64 6.28 26.01
CA ARG A 234 -8.96 7.15 26.96
C ARG A 234 -8.65 8.50 26.33
N MET A 235 -7.90 8.50 25.21
CA MET A 235 -7.50 9.74 24.56
C MET A 235 -8.70 10.63 24.26
N LYS A 236 -9.80 10.03 23.78
CA LYS A 236 -11.05 10.77 23.64
C LYS A 236 -11.43 11.47 24.93
N GLU A 237 -11.63 10.68 26.00
CA GLU A 237 -11.98 11.26 27.29
C GLU A 237 -10.93 12.25 27.77
N SER A 238 -9.65 11.98 27.47
CA SER A 238 -8.58 12.88 27.89
C SER A 238 -8.73 14.24 27.24
N ARG A 239 -8.76 14.27 25.90
CA ARG A 239 -8.91 15.54 25.19
C ARG A 239 -10.21 16.24 25.56
N LEU A 240 -11.22 15.48 25.99
CA LEU A 240 -12.46 16.08 26.47
C LEU A 240 -12.25 16.84 27.76
N GLU A 241 -11.71 16.16 28.78
CA GLU A 241 -11.43 16.78 30.07
C GLU A 241 -10.05 17.42 30.11
N ASP A 242 -9.45 17.70 28.94
CA ASP A 242 -8.25 18.52 28.85
C ASP A 242 -8.26 19.42 27.63
N THR A 243 -9.44 19.93 27.23
CA THR A 243 -9.60 20.69 25.99
C THR A 243 -8.48 21.71 25.80
N GLN A 244 -7.97 21.78 24.58
CA GLN A 244 -6.87 22.67 24.24
C GLN A 244 -7.36 23.89 23.49
N ARG A 247 -5.59 21.30 16.23
CA ARG A 247 -5.26 19.90 16.39
C ARG A 247 -5.19 19.19 15.04
N VAL A 248 -4.02 18.66 14.71
CA VAL A 248 -3.86 17.88 13.49
C VAL A 248 -3.69 16.42 13.87
N ASP A 249 -4.80 15.70 13.96
CA ASP A 249 -4.83 14.28 14.30
C ASP A 249 -5.94 13.62 13.51
N PHE A 250 -5.65 12.46 12.92
CA PHE A 250 -6.71 11.70 12.26
C PHE A 250 -7.83 11.38 13.25
N LEU A 251 -7.49 11.12 14.50
CA LEU A 251 -8.50 10.91 15.53
C LEU A 251 -9.30 12.18 15.79
N GLN A 252 -8.60 13.32 15.96
CA GLN A 252 -9.28 14.58 16.21
C GLN A 252 -10.10 15.01 15.00
N LEU A 253 -9.56 14.82 13.79
CA LEU A 253 -10.29 15.16 12.57
C LEU A 253 -11.55 14.33 12.42
N MET A 254 -11.63 13.16 13.06
CA MET A 254 -12.83 12.36 13.05
C MET A 254 -13.72 12.61 14.28
N ILE A 255 -13.14 13.08 15.38
CA ILE A 255 -13.94 13.35 16.58
C ILE A 255 -14.76 14.63 16.39
N ASP A 256 -14.15 15.69 15.86
CA ASP A 256 -14.88 16.93 15.63
C ASP A 256 -15.93 16.74 14.55
N SER A 257 -15.62 15.93 13.53
CA SER A 257 -16.61 15.63 12.49
C SER A 257 -17.75 14.76 13.01
N GLN A 258 -17.54 14.04 14.11
CA GLN A 258 -18.64 13.32 14.74
C GLN A 258 -19.74 14.26 15.22
N ASN A 259 -19.35 15.46 15.68
CA ASN A 259 -20.34 16.42 16.14
C ASN A 259 -21.16 16.97 14.98
N SER A 260 -20.50 17.39 13.91
CA SER A 260 -21.19 17.87 12.70
C SER A 260 -20.18 18.07 11.58
N LYS A 267 -24.36 10.16 6.99
CA LYS A 267 -25.04 10.20 8.29
C LYS A 267 -24.07 10.61 9.41
N ALA A 268 -23.73 9.65 10.27
CA ALA A 268 -22.87 9.91 11.41
C ALA A 268 -21.85 8.79 11.54
N LEU A 269 -20.76 9.09 12.21
CA LEU A 269 -19.67 8.15 12.46
C LEU A 269 -19.73 7.70 13.91
N SER A 270 -19.82 6.39 14.13
CA SER A 270 -19.97 5.86 15.47
C SER A 270 -18.61 5.73 16.16
N ASP A 271 -18.65 5.38 17.45
CA ASP A 271 -17.42 5.27 18.22
C ASP A 271 -16.61 4.04 17.83
N LEU A 272 -17.28 2.92 17.56
CA LEU A 272 -16.55 1.73 17.11
C LEU A 272 -16.09 1.87 15.67
N GLU A 273 -16.91 2.52 14.83
CA GLU A 273 -16.45 2.87 13.49
C GLU A 273 -15.26 3.83 13.56
N LEU A 274 -15.21 4.68 14.59
CA LEU A 274 -14.08 5.56 14.79
C LEU A 274 -12.79 4.78 14.98
N VAL A 275 -12.82 3.77 15.86
CA VAL A 275 -11.63 3.00 16.16
C VAL A 275 -11.19 2.19 14.94
N ALA A 276 -12.15 1.65 14.18
CA ALA A 276 -11.82 0.79 13.05
C ALA A 276 -10.98 1.53 12.01
N GLN A 277 -11.39 2.76 11.65
CA GLN A 277 -10.64 3.53 10.67
C GLN A 277 -9.27 3.93 11.20
N SER A 278 -9.17 4.22 12.50
CA SER A 278 -7.88 4.55 13.08
C SER A 278 -6.91 3.37 12.97
N ILE A 279 -7.40 2.15 13.19
CA ILE A 279 -6.56 0.97 13.04
C ILE A 279 -6.18 0.77 11.57
N ILE A 280 -7.09 1.09 10.66
CA ILE A 280 -6.81 0.93 9.23
C ILE A 280 -5.61 1.78 8.82
N PHE A 281 -5.56 3.02 9.28
CA PHE A 281 -4.47 3.92 8.89
C PHE A 281 -3.13 3.39 9.40
N ILE A 282 -3.11 2.78 10.58
CA ILE A 282 -1.89 2.12 11.06
C ILE A 282 -1.54 0.95 10.16
N PHE A 283 -2.50 0.07 9.91
CA PHE A 283 -2.25 -1.12 9.11
C PHE A 283 -1.85 -0.75 7.69
N ALA A 284 -2.52 0.26 7.12
CA ALA A 284 -2.18 0.72 5.77
C ALA A 284 -0.91 1.55 5.72
N GLY A 285 -0.41 2.02 6.87
CA GLY A 285 0.69 2.95 6.86
C GLY A 285 2.02 2.43 7.37
N TYR A 286 1.99 1.40 8.22
CA TYR A 286 3.22 1.00 8.91
C TYR A 286 4.17 0.22 8.01
N GLU A 287 3.75 -0.97 7.59
CA GLU A 287 4.63 -1.82 6.77
C GLU A 287 4.62 -1.40 5.31
N THR A 288 3.58 -0.68 4.88
CA THR A 288 3.48 -0.25 3.49
C THR A 288 4.49 0.84 3.17
N THR A 289 4.59 1.85 4.05
CA THR A 289 5.50 2.96 3.80
C THR A 289 6.95 2.51 3.88
N SER A 290 7.29 1.73 4.92
CA SER A 290 8.67 1.31 5.11
C SER A 290 9.17 0.45 3.95
N SER A 291 8.29 -0.39 3.39
CA SER A 291 8.68 -1.23 2.27
C SER A 291 9.07 -0.39 1.06
N VAL A 292 8.23 0.60 0.70
CA VAL A 292 8.51 1.42 -0.46
C VAL A 292 9.77 2.25 -0.24
N LEU A 293 9.95 2.79 0.97
CA LEU A 293 11.16 3.53 1.28
C LEU A 293 12.40 2.63 1.17
N SER A 294 12.28 1.37 1.61
CA SER A 294 13.36 0.42 1.42
C SER A 294 13.60 0.16 -0.06
N PHE A 295 12.53 0.03 -0.84
CA PHE A 295 12.68 -0.19 -2.28
C PHE A 295 13.34 1.01 -2.96
N ILE A 296 12.98 2.21 -2.55
CA ILE A 296 13.54 3.42 -3.16
C ILE A 296 15.04 3.50 -2.89
N MET A 297 15.45 3.27 -1.64
CA MET A 297 16.85 3.42 -1.29
C MET A 297 17.71 2.34 -1.92
N TYR A 298 17.16 1.15 -2.15
CA TYR A 298 17.90 0.12 -2.86
C TYR A 298 18.24 0.59 -4.27
N GLU A 299 17.28 1.20 -4.97
CA GLU A 299 17.52 1.66 -6.33
C GLU A 299 18.48 2.84 -6.36
N LEU A 300 18.50 3.66 -5.31
CA LEU A 300 19.42 4.80 -5.28
C LEU A 300 20.85 4.35 -5.05
N ALA A 301 21.06 3.20 -4.41
CA ALA A 301 22.41 2.71 -4.17
C ALA A 301 23.02 2.07 -5.42
N THR A 302 22.25 1.25 -6.13
CA THR A 302 22.73 0.62 -7.35
C THR A 302 22.76 1.57 -8.53
N HIS A 303 22.14 2.74 -8.42
CA HIS A 303 22.19 3.78 -9.45
C HIS A 303 22.62 5.07 -8.77
N PRO A 304 23.91 5.22 -8.47
CA PRO A 304 24.37 6.43 -7.76
C PRO A 304 24.16 7.71 -8.54
N ASP A 305 24.02 7.64 -9.87
CA ASP A 305 23.73 8.84 -10.64
C ASP A 305 22.37 9.42 -10.26
N VAL A 306 21.37 8.55 -10.06
CA VAL A 306 20.07 9.02 -9.60
C VAL A 306 20.17 9.59 -8.19
N GLN A 307 20.90 8.91 -7.30
CA GLN A 307 21.08 9.41 -5.95
C GLN A 307 21.84 10.74 -5.94
N GLN A 308 22.73 10.95 -6.92
CA GLN A 308 23.49 12.18 -6.96
C GLN A 308 22.63 13.35 -7.46
N LYS A 309 21.93 13.16 -8.58
CA LYS A 309 21.09 14.22 -9.11
C LYS A 309 19.95 14.55 -8.15
N LEU A 310 19.47 13.56 -7.40
CA LEU A 310 18.43 13.82 -6.41
C LEU A 310 18.98 14.59 -5.22
N GLN A 311 20.18 14.24 -4.74
CA GLN A 311 20.79 14.99 -3.66
C GLN A 311 21.07 16.42 -4.06
N GLU A 312 21.50 16.63 -5.32
CA GLU A 312 21.73 17.98 -5.80
C GLU A 312 20.43 18.78 -5.86
N GLU A 313 19.35 18.15 -6.33
CA GLU A 313 18.07 18.85 -6.41
C GLU A 313 17.54 19.20 -5.03
N ILE A 314 17.71 18.29 -4.06
CA ILE A 314 17.30 18.58 -2.70
C ILE A 314 18.07 19.75 -2.14
N ASP A 315 19.38 19.80 -2.40
CA ASP A 315 20.19 20.94 -1.99
C ASP A 315 19.85 22.19 -2.80
N ALA A 316 19.49 22.01 -4.08
CA ALA A 316 19.13 23.17 -4.91
C ALA A 316 17.88 23.85 -4.40
N VAL A 317 16.88 23.06 -3.98
CA VAL A 317 15.64 23.64 -3.46
C VAL A 317 15.75 23.94 -1.97
N LEU A 318 16.56 23.19 -1.23
CA LEU A 318 16.75 23.37 0.21
C LEU A 318 18.24 23.54 0.48
N PRO A 319 18.77 24.75 0.28
CA PRO A 319 20.19 24.98 0.57
C PRO A 319 20.48 24.90 2.06
N ASN A 320 21.73 24.58 2.38
CA ASN A 320 22.19 24.42 3.76
C ASN A 320 21.38 23.37 4.51
N LYS A 321 20.96 22.32 3.80
CA LYS A 321 20.14 21.26 4.37
C LYS A 321 18.89 21.82 5.04
N ALA A 322 18.19 22.70 4.32
CA ALA A 322 17.03 23.38 4.86
C ALA A 322 15.90 22.41 5.12
N PRO A 323 15.05 22.70 6.11
CA PRO A 323 13.88 21.85 6.36
C PRO A 323 12.92 21.88 5.19
N PRO A 324 12.32 20.75 4.84
CA PRO A 324 11.37 20.73 3.73
C PRO A 324 10.04 21.38 4.12
N THR A 325 9.24 21.64 3.10
CA THR A 325 7.94 22.28 3.25
C THR A 325 6.98 21.68 2.24
N TYR A 326 5.68 21.73 2.56
CA TYR A 326 4.66 21.24 1.65
C TYR A 326 4.81 21.89 0.28
N ASP A 327 5.15 23.17 0.24
CA ASP A 327 5.33 23.86 -1.02
C ASP A 327 6.63 23.45 -1.71
N THR A 328 7.70 23.25 -0.92
CA THR A 328 8.98 22.87 -1.51
C THR A 328 9.01 21.40 -1.91
N VAL A 329 8.29 20.53 -1.19
CA VAL A 329 8.26 19.12 -1.54
C VAL A 329 7.61 18.92 -2.91
N LEU A 330 6.50 19.62 -3.17
CA LEU A 330 5.85 19.53 -4.46
C LEU A 330 6.65 20.22 -5.56
N GLN A 331 7.71 20.95 -5.22
CA GLN A 331 8.54 21.63 -6.21
C GLN A 331 9.60 20.71 -6.81
N MET A 332 10.21 19.85 -6.00
CA MET A 332 11.28 18.96 -6.48
C MET A 332 10.70 17.97 -7.48
N GLU A 333 11.15 18.07 -8.73
CA GLU A 333 10.61 17.23 -9.79
C GLU A 333 11.33 15.89 -9.90
N TYR A 334 12.62 15.84 -9.58
CA TYR A 334 13.34 14.57 -9.70
C TYR A 334 12.97 13.60 -8.59
N LEU A 335 12.65 14.11 -7.40
CA LEU A 335 12.23 13.23 -6.31
C LEU A 335 10.91 12.53 -6.64
N ASP A 336 9.98 13.25 -7.25
CA ASP A 336 8.74 12.61 -7.68
C ASP A 336 9.00 11.54 -8.73
N MET A 337 10.01 11.75 -9.58
CA MET A 337 10.34 10.75 -10.59
C MET A 337 10.92 9.48 -9.96
N VAL A 338 11.76 9.65 -8.93
CA VAL A 338 12.34 8.47 -8.26
C VAL A 338 11.25 7.65 -7.60
N VAL A 339 10.32 8.31 -6.91
CA VAL A 339 9.25 7.59 -6.22
C VAL A 339 8.36 6.86 -7.22
N ASN A 340 7.99 7.54 -8.31
CA ASN A 340 7.08 6.94 -9.29
C ASN A 340 7.70 5.71 -9.94
N GLU A 341 8.97 5.79 -10.32
CA GLU A 341 9.62 4.65 -10.98
C GLU A 341 9.73 3.46 -10.03
N THR A 342 10.08 3.71 -8.76
CA THR A 342 10.17 2.63 -7.79
C THR A 342 8.81 1.95 -7.61
N LEU A 343 7.74 2.74 -7.56
CA LEU A 343 6.40 2.18 -7.46
C LEU A 343 6.03 1.37 -8.70
N ARG A 344 6.50 1.78 -9.87
CA ARG A 344 6.26 0.99 -11.08
C ARG A 344 6.91 -0.38 -10.98
N LEU A 345 8.21 -0.41 -10.66
CA LEU A 345 8.89 -1.68 -10.54
C LEU A 345 8.34 -2.52 -9.39
N PHE A 346 7.88 -1.87 -8.31
CA PHE A 346 7.43 -2.55 -7.11
C PHE A 346 6.10 -1.96 -6.63
N PRO A 347 4.99 -2.25 -7.33
CA PRO A 347 3.66 -1.89 -6.79
C PRO A 347 3.24 -2.89 -5.73
N ILE A 348 3.31 -2.47 -4.47
CA ILE A 348 3.14 -3.40 -3.36
C ILE A 348 1.74 -4.00 -3.30
N ALA A 349 0.78 -3.41 -4.01
CA ALA A 349 -0.55 -4.02 -4.07
C ALA A 349 -0.55 -5.24 -4.98
N MET A 350 0.22 -5.18 -6.07
CA MET A 350 0.44 -6.28 -7.01
C MET A 350 -0.79 -6.60 -7.84
N ARG A 351 -1.94 -6.01 -7.50
CA ARG A 351 -3.23 -6.43 -8.04
C ARG A 351 -4.28 -5.43 -7.60
N LEU A 352 -5.30 -5.25 -8.44
CA LEU A 352 -6.48 -4.49 -8.10
C LEU A 352 -7.70 -5.34 -8.41
N GLU A 353 -8.60 -5.48 -7.45
CA GLU A 353 -9.74 -6.39 -7.58
C GLU A 353 -11.06 -5.67 -7.31
N ARG A 354 -12.09 -6.06 -8.05
CA ARG A 354 -13.45 -5.57 -7.85
C ARG A 354 -14.40 -6.74 -8.05
N VAL A 355 -15.44 -6.80 -7.22
CA VAL A 355 -16.46 -7.84 -7.33
C VAL A 355 -17.58 -7.35 -8.23
N CYS A 356 -17.91 -8.14 -9.25
CA CYS A 356 -18.98 -7.82 -10.17
C CYS A 356 -20.32 -8.15 -9.49
N LYS A 357 -21.12 -7.11 -9.23
CA LYS A 357 -22.33 -7.25 -8.43
C LYS A 357 -23.57 -7.55 -9.27
N LYS A 358 -23.47 -7.55 -10.59
CA LYS A 358 -24.63 -7.83 -11.44
C LYS A 358 -24.13 -8.18 -12.84
N ASP A 359 -25.02 -8.75 -13.64
CA ASP A 359 -24.72 -9.02 -15.03
C ASP A 359 -24.52 -7.70 -15.78
N VAL A 360 -23.32 -7.50 -16.33
CA VAL A 360 -22.97 -6.26 -17.01
C VAL A 360 -22.00 -6.58 -18.14
N GLU A 361 -22.04 -5.76 -19.18
CA GLU A 361 -21.16 -5.90 -20.33
C GLU A 361 -20.24 -4.69 -20.41
N ILE A 362 -18.94 -4.94 -20.45
CA ILE A 362 -17.94 -3.89 -20.52
C ILE A 362 -17.12 -4.08 -21.80
N ASN A 363 -17.10 -3.04 -22.64
CA ASN A 363 -16.26 -2.99 -23.84
C ASN A 363 -16.40 -4.24 -24.69
N GLY A 364 -17.63 -4.72 -24.84
CA GLY A 364 -17.88 -5.93 -25.60
C GLY A 364 -17.55 -7.22 -24.90
N MET A 365 -17.54 -7.23 -23.56
CA MET A 365 -17.30 -8.44 -22.79
C MET A 365 -18.43 -8.63 -21.80
N PHE A 366 -19.01 -9.83 -21.79
CA PHE A 366 -20.05 -10.17 -20.83
C PHE A 366 -19.41 -10.61 -19.52
N ILE A 367 -19.73 -9.91 -18.43
CA ILE A 367 -19.18 -10.20 -17.11
C ILE A 367 -20.32 -10.71 -16.23
N PRO A 368 -20.37 -12.01 -15.93
CA PRO A 368 -21.44 -12.52 -15.06
C PRO A 368 -21.27 -12.07 -13.62
N LYS A 369 -22.39 -12.10 -12.90
CA LYS A 369 -22.39 -11.70 -11.49
C LYS A 369 -21.54 -12.66 -10.66
N GLY A 370 -20.85 -12.10 -9.67
CA GLY A 370 -20.05 -12.88 -8.74
C GLY A 370 -18.61 -13.09 -9.13
N VAL A 371 -18.21 -12.69 -10.32
CA VAL A 371 -16.83 -12.87 -10.77
C VAL A 371 -15.98 -11.72 -10.24
N VAL A 372 -14.76 -12.05 -9.80
CA VAL A 372 -13.82 -11.05 -9.31
C VAL A 372 -12.98 -10.56 -10.49
N VAL A 373 -13.19 -9.31 -10.87
CA VAL A 373 -12.40 -8.71 -11.95
C VAL A 373 -11.11 -8.16 -11.36
N MET A 374 -9.98 -8.50 -11.99
CA MET A 374 -8.67 -8.16 -11.48
C MET A 374 -7.87 -7.38 -12.51
N ILE A 375 -7.10 -6.40 -12.04
CA ILE A 375 -6.14 -5.66 -12.85
C ILE A 375 -4.74 -6.03 -12.36
N PRO A 376 -3.94 -6.73 -13.16
CA PRO A 376 -2.60 -7.13 -12.69
C PRO A 376 -1.61 -5.97 -12.73
N SER A 377 -1.58 -5.17 -11.66
CA SER A 377 -0.75 -3.97 -11.66
C SER A 377 0.72 -4.32 -11.89
N TYR A 378 1.22 -5.37 -11.25
CA TYR A 378 2.61 -5.75 -11.44
C TYR A 378 2.88 -6.18 -12.89
N ALA A 379 1.97 -6.96 -13.46
CA ALA A 379 2.16 -7.42 -14.84
C ALA A 379 2.11 -6.27 -15.83
N LEU A 380 1.27 -5.26 -15.56
CA LEU A 380 1.19 -4.12 -16.46
C LEU A 380 2.42 -3.22 -16.34
N HIS A 381 2.95 -3.07 -15.13
CA HIS A 381 4.07 -2.17 -14.91
C HIS A 381 5.36 -2.65 -15.56
N ARG A 382 5.49 -3.95 -15.83
CA ARG A 382 6.66 -4.51 -16.48
C ARG A 382 6.33 -5.13 -17.82
N ASP A 383 5.18 -4.79 -18.39
CA ASP A 383 4.79 -5.28 -19.71
C ASP A 383 5.47 -4.46 -20.80
N PRO A 384 6.21 -5.09 -21.71
CA PRO A 384 6.95 -4.32 -22.73
C PRO A 384 6.08 -3.49 -23.64
N LYS A 385 4.79 -3.82 -23.81
CA LYS A 385 3.95 -3.12 -24.76
C LYS A 385 3.79 -1.64 -24.42
N TYR A 386 4.03 -1.24 -23.17
CA TYR A 386 3.95 0.15 -22.77
C TYR A 386 5.24 0.71 -22.19
N TRP A 387 6.19 -0.14 -21.81
CA TRP A 387 7.46 0.31 -21.24
C TRP A 387 8.62 -0.36 -21.96
N THR A 388 9.61 0.44 -22.33
CA THR A 388 10.83 -0.06 -22.97
C THR A 388 11.87 -0.38 -21.90
N GLU A 389 12.49 -1.55 -22.02
CA GLU A 389 13.40 -2.07 -21.01
C GLU A 389 12.77 -2.06 -19.63
N PRO A 390 11.69 -2.83 -19.42
CA PRO A 390 10.97 -2.76 -18.14
C PRO A 390 11.81 -3.16 -16.94
N GLU A 391 12.75 -4.09 -17.10
CA GLU A 391 13.52 -4.59 -15.96
C GLU A 391 14.56 -3.58 -15.48
N LYS A 392 14.87 -2.57 -16.28
CA LYS A 392 15.87 -1.58 -15.91
C LYS A 392 15.23 -0.43 -15.13
N PHE A 393 15.96 0.09 -14.15
CA PHE A 393 15.49 1.19 -13.32
C PHE A 393 15.87 2.50 -14.00
N LEU A 394 14.91 3.08 -14.73
CA LEU A 394 15.13 4.32 -15.46
C LEU A 394 14.14 5.38 -14.98
N PRO A 395 14.53 6.27 -14.07
CA PRO A 395 13.57 7.28 -13.57
C PRO A 395 13.12 8.28 -14.61
N GLU A 396 13.80 8.38 -15.76
CA GLU A 396 13.49 9.42 -16.74
C GLU A 396 12.16 9.17 -17.45
N ARG A 397 11.51 8.02 -17.23
CA ARG A 397 10.20 7.78 -17.81
C ARG A 397 9.16 8.80 -17.33
N PHE A 398 9.37 9.39 -16.15
CA PHE A 398 8.42 10.32 -15.56
C PHE A 398 8.88 11.76 -15.62
N SER A 399 9.76 12.09 -16.57
CA SER A 399 10.07 13.49 -16.82
C SER A 399 8.83 14.20 -17.36
N LYS A 400 8.84 15.53 -17.27
CA LYS A 400 7.66 16.31 -17.62
C LYS A 400 7.19 16.03 -19.05
N LYS A 401 8.13 15.80 -19.96
CA LYS A 401 7.75 15.51 -21.34
C LYS A 401 7.05 14.15 -21.45
N ASN A 402 7.65 13.11 -20.87
CA ASN A 402 7.09 11.77 -20.95
C ASN A 402 6.04 11.49 -19.88
N LYS A 403 5.84 12.42 -18.93
CA LYS A 403 4.83 12.22 -17.90
C LYS A 403 3.42 12.20 -18.47
N ASP A 404 3.21 12.76 -19.67
CA ASP A 404 1.92 12.74 -20.31
C ASP A 404 1.75 11.57 -21.28
N ASN A 405 2.82 10.81 -21.54
CA ASN A 405 2.79 9.72 -22.51
C ASN A 405 2.62 8.36 -21.83
N ILE A 406 2.17 8.35 -20.58
CA ILE A 406 1.94 7.12 -19.83
C ILE A 406 0.46 6.99 -19.55
N ASP A 407 -0.12 5.85 -19.88
CA ASP A 407 -1.55 5.64 -19.67
C ASP A 407 -1.83 5.47 -18.19
N PRO A 408 -2.68 6.32 -17.59
CA PRO A 408 -2.90 6.22 -16.13
C PRO A 408 -3.57 4.93 -15.69
N TYR A 409 -4.20 4.19 -16.61
CA TYR A 409 -4.88 2.96 -16.27
C TYR A 409 -4.02 1.71 -16.50
N ILE A 410 -2.78 1.89 -16.94
CA ILE A 410 -1.80 0.83 -16.94
C ILE A 410 -0.86 0.92 -15.74
N TYR A 411 -0.43 2.14 -15.41
CA TYR A 411 0.37 2.41 -14.21
C TYR A 411 -0.59 2.82 -13.10
N THR A 412 -0.92 1.88 -12.22
CA THR A 412 -1.89 2.10 -11.15
C THR A 412 -1.30 1.64 -9.82
N PRO A 413 -0.31 2.38 -9.30
CA PRO A 413 0.26 1.98 -8.00
C PRO A 413 -0.66 2.28 -6.84
N PHE A 414 -1.50 3.31 -6.94
CA PHE A 414 -2.48 3.65 -5.91
C PHE A 414 -3.89 3.34 -6.34
N GLY A 415 -4.08 2.56 -7.40
CA GLY A 415 -5.41 2.30 -7.90
C GLY A 415 -5.95 3.51 -8.66
N SER A 416 -7.26 3.45 -8.92
CA SER A 416 -7.94 4.53 -9.61
C SER A 416 -9.43 4.44 -9.28
N GLY A 417 -10.15 5.50 -9.63
CA GLY A 417 -11.57 5.57 -9.39
C GLY A 417 -11.89 6.02 -7.97
N PRO A 418 -13.19 6.06 -7.64
CA PRO A 418 -13.58 6.54 -6.31
C PRO A 418 -13.16 5.62 -5.17
N ARG A 419 -12.60 4.45 -5.44
CA ARG A 419 -12.12 3.55 -4.40
C ARG A 419 -10.61 3.37 -4.45
N ASN A 420 -9.87 4.39 -4.90
CA ASN A 420 -8.43 4.35 -4.89
C ASN A 420 -7.92 4.57 -3.47
N CYS A 421 -6.59 4.59 -3.31
CA CYS A 421 -6.00 4.82 -2.00
C CYS A 421 -6.35 6.20 -1.49
N ILE A 422 -7.16 6.27 -0.43
CA ILE A 422 -7.57 7.55 0.13
C ILE A 422 -6.41 8.30 0.75
N GLY A 423 -5.33 7.60 1.11
CA GLY A 423 -4.18 8.24 1.71
C GLY A 423 -2.99 8.32 0.76
N MET A 424 -3.27 8.52 -0.53
CA MET A 424 -2.20 8.59 -1.52
C MET A 424 -1.29 9.79 -1.29
N ARG A 425 -1.88 10.97 -1.12
CA ARG A 425 -1.08 12.18 -0.95
C ARG A 425 -0.31 12.16 0.36
N PHE A 426 -0.94 11.67 1.43
CA PHE A 426 -0.24 11.57 2.70
C PHE A 426 0.95 10.61 2.60
N ALA A 427 0.74 9.46 1.95
CA ALA A 427 1.82 8.49 1.81
C ALA A 427 2.97 9.05 0.97
N LEU A 428 2.65 9.71 -0.14
CA LEU A 428 3.70 10.32 -0.96
C LEU A 428 4.42 11.43 -0.20
N MET A 429 3.67 12.26 0.52
CA MET A 429 4.29 13.31 1.32
C MET A 429 5.16 12.72 2.43
N ASN A 430 4.64 11.68 3.10
CA ASN A 430 5.40 11.07 4.20
C ASN A 430 6.71 10.47 3.72
N MET A 431 6.68 9.79 2.57
CA MET A 431 7.91 9.18 2.06
C MET A 431 8.89 10.22 1.58
N LYS A 432 8.41 11.26 0.89
CA LYS A 432 9.31 12.27 0.36
C LYS A 432 9.97 13.09 1.48
N LEU A 433 9.21 13.40 2.53
CA LEU A 433 9.79 14.11 3.67
C LEU A 433 10.91 13.29 4.31
N ALA A 434 10.79 11.97 4.28
CA ALA A 434 11.88 11.13 4.78
C ALA A 434 13.05 11.10 3.82
N LEU A 435 12.78 11.01 2.51
CA LEU A 435 13.85 10.95 1.52
C LEU A 435 14.63 12.26 1.49
N ILE A 436 13.96 13.40 1.64
CA ILE A 436 14.64 14.69 1.62
C ILE A 436 15.60 14.81 2.80
N ARG A 437 15.13 14.46 4.00
CA ARG A 437 15.92 14.69 5.21
C ARG A 437 17.07 13.70 5.31
N VAL A 438 16.93 12.51 4.73
CA VAL A 438 17.97 11.49 4.84
C VAL A 438 19.03 11.64 3.75
N LEU A 439 18.62 11.94 2.51
CA LEU A 439 19.59 12.06 1.43
C LEU A 439 20.46 13.30 1.60
N GLN A 440 19.90 14.38 2.14
CA GLN A 440 20.69 15.59 2.33
C GLN A 440 21.66 15.49 3.50
N ASN A 441 21.66 14.36 4.23
CA ASN A 441 22.60 14.13 5.30
C ASN A 441 23.40 12.84 5.17
N PHE A 442 22.96 11.91 4.34
CA PHE A 442 23.65 10.63 4.20
C PHE A 442 23.67 10.20 2.74
N SER A 443 24.65 9.35 2.41
CA SER A 443 24.75 8.69 1.12
C SER A 443 24.77 7.18 1.35
N PHE A 444 24.09 6.44 0.48
CA PHE A 444 23.89 5.01 0.67
C PHE A 444 24.70 4.26 -0.38
N LYS A 445 25.59 3.40 0.10
CA LYS A 445 26.46 2.60 -0.75
C LYS A 445 26.16 1.12 -0.60
N PRO A 446 26.13 0.37 -1.70
CA PRO A 446 25.89 -1.07 -1.60
C PRO A 446 27.06 -1.78 -0.94
N CYS A 447 26.77 -2.54 0.10
CA CYS A 447 27.79 -3.31 0.80
C CYS A 447 27.87 -4.72 0.20
N LYS A 448 28.60 -5.62 0.86
CA LYS A 448 28.75 -6.97 0.35
C LYS A 448 27.46 -7.77 0.52
N GLU A 449 26.80 -7.63 1.67
CA GLU A 449 25.61 -8.43 1.96
C GLU A 449 24.41 -8.06 1.09
N THR A 450 24.46 -6.93 0.39
CA THR A 450 23.35 -6.55 -0.47
C THR A 450 23.21 -7.51 -1.64
N GLN A 451 21.98 -7.94 -1.91
CA GLN A 451 21.69 -8.81 -3.05
C GLN A 451 21.67 -7.96 -4.31
N ILE A 452 22.73 -8.04 -5.11
CA ILE A 452 22.82 -7.22 -6.32
C ILE A 452 21.65 -7.50 -7.27
N PRO A 453 21.30 -8.76 -7.59
CA PRO A 453 20.01 -9.00 -8.27
C PRO A 453 18.89 -9.24 -7.25
N LEU A 454 18.36 -8.13 -6.72
CA LEU A 454 17.31 -8.19 -5.70
C LEU A 454 16.18 -9.11 -6.13
N LYS A 455 15.96 -10.17 -5.36
CA LYS A 455 14.95 -11.17 -5.67
C LYS A 455 13.68 -10.85 -4.89
N LEU A 456 12.55 -10.91 -5.58
CA LEU A 456 11.25 -10.67 -4.96
C LEU A 456 10.71 -11.98 -4.39
N SER A 457 9.93 -11.85 -3.31
CA SER A 457 9.39 -13.02 -2.63
C SER A 457 8.41 -13.77 -3.52
N LEU A 458 8.26 -15.07 -3.25
CA LEU A 458 7.33 -15.93 -3.96
C LEU A 458 6.00 -16.05 -3.23
N GLY A 459 5.80 -15.30 -2.15
CA GLY A 459 4.57 -15.37 -1.39
C GLY A 459 3.54 -14.36 -1.86
N GLY A 460 2.64 -14.01 -0.94
CA GLY A 460 1.58 -13.06 -1.21
C GLY A 460 1.93 -11.62 -0.90
N LEU A 461 3.20 -11.31 -0.68
CA LEU A 461 3.66 -9.96 -0.41
C LEU A 461 4.71 -9.56 -1.43
N LEU A 462 4.70 -8.28 -1.81
CA LEU A 462 5.76 -7.73 -2.64
C LEU A 462 6.82 -7.13 -1.72
N GLN A 463 7.67 -8.01 -1.21
CA GLN A 463 8.79 -7.66 -0.36
C GLN A 463 10.03 -8.37 -0.86
N PRO A 464 11.22 -7.82 -0.61
CA PRO A 464 12.45 -8.47 -1.08
C PRO A 464 12.67 -9.81 -0.38
N GLU A 465 13.35 -10.72 -1.08
CA GLU A 465 13.68 -12.01 -0.50
C GLU A 465 14.55 -11.84 0.74
N LYS A 466 15.71 -11.21 0.58
CA LYS A 466 16.54 -10.89 1.73
C LYS A 466 16.30 -9.45 2.15
N PRO A 467 16.24 -9.17 3.46
CA PRO A 467 16.09 -7.79 3.90
C PRO A 467 17.23 -6.92 3.37
N VAL A 468 16.86 -5.73 2.90
CA VAL A 468 17.83 -4.88 2.20
C VAL A 468 18.78 -4.25 3.22
N VAL A 469 20.07 -4.50 3.04
CA VAL A 469 21.11 -3.96 3.89
C VAL A 469 22.06 -3.14 3.02
N LEU A 470 22.35 -1.92 3.45
CA LEU A 470 23.21 -1.02 2.70
C LEU A 470 24.17 -0.32 3.65
N LYS A 471 25.28 0.17 3.10
CA LYS A 471 26.25 0.94 3.86
C LYS A 471 25.83 2.40 3.89
N VAL A 472 25.91 3.01 5.07
CA VAL A 472 25.49 4.39 5.30
C VAL A 472 26.69 5.19 5.76
N GLU A 473 26.91 6.35 5.13
CA GLU A 473 28.03 7.22 5.44
C GLU A 473 27.54 8.66 5.51
N SER A 474 28.27 9.47 6.27
CA SER A 474 27.93 10.88 6.45
C SER A 474 28.55 11.75 5.38
N ARG A 475 27.84 12.81 5.01
CA ARG A 475 28.33 13.76 4.02
C ARG A 475 28.96 14.98 4.68
CHA HEM B . -6.30 1.53 -0.66
CHB HEM B . -1.70 1.63 -2.36
CHC HEM B . -0.44 4.09 1.62
CHD HEM B . -4.99 4.14 3.24
C1A HEM B . -5.18 1.35 -1.44
C2A HEM B . -5.15 0.66 -2.72
C3A HEM B . -3.88 0.70 -3.18
C4A HEM B . -3.07 1.40 -2.22
CMA HEM B . -3.36 0.12 -4.50
CAA HEM B . -6.35 0.03 -3.45
CBA HEM B . -7.02 1.04 -4.36
CGA HEM B . -7.88 0.35 -5.37
O1A HEM B . -8.56 -0.65 -4.97
O2A HEM B . -8.19 0.95 -6.43
C1B HEM B . -0.95 2.31 -1.43
C2B HEM B . 0.47 2.61 -1.53
C3B HEM B . 0.83 3.29 -0.42
C4B HEM B . -0.38 3.45 0.39
CMB HEM B . 1.37 2.17 -2.72
CAB HEM B . 2.20 3.84 0.00
CBB HEM B . 3.22 4.12 -0.81
C1C HEM B . -1.54 4.34 2.39
C2C HEM B . -1.56 5.08 3.63
C3C HEM B . -2.82 5.10 4.09
C4C HEM B . -3.63 4.36 3.15
CMC HEM B . -0.32 5.73 4.26
CAC HEM B . -3.38 5.76 5.36
CBC HEM B . -4.25 6.78 5.34
C1D HEM B . -5.72 3.44 2.30
C2D HEM B . -7.14 3.19 2.37
C3D HEM B . -7.52 2.49 1.32
C4D HEM B . -6.35 2.23 0.51
CMD HEM B . -8.02 3.71 3.54
CAD HEM B . -8.96 2.01 1.01
CBD HEM B . -9.66 3.05 0.14
CGD HEM B . -11.05 2.60 -0.24
O1D HEM B . -11.27 1.36 -0.20
O2D HEM B . -11.97 3.46 -0.39
NA HEM B . -3.89 1.78 -1.17
NB HEM B . -1.43 2.85 -0.26
NC HEM B . -2.83 3.91 2.14
ND HEM B . -5.27 2.84 1.15
FE HEM B . -3.32 2.81 0.50
C25 A1ASQ C . -1.02 -4.51 -0.15
C26 A1ASQ C . -0.18 -3.43 -0.24
C27 A1ASQ C . -0.67 -2.18 -0.63
C28 A1ASQ C . -2.01 -2.04 -0.93
C11 A1ASQ C . -6.17 -2.31 5.03
C12 A1ASQ C . -5.28 -1.37 4.54
C13 A1ASQ C . -4.70 -1.58 3.31
C15 A1ASQ C . -2.45 -0.78 2.79
C16 A1ASQ C . -1.90 0.26 2.12
C22 A1ASQ C . -3.32 -5.57 -0.36
C18 A1ASQ C . -4.04 0.41 1.98
C23 A1ASQ C . -3.17 -6.54 -1.53
C20 A1ASQ C . -2.86 -3.13 -0.85
C21 A1ASQ C . -2.37 -4.36 -0.46
C02 A1ASQ C . -5.08 -2.79 0.04
C04 A1ASQ C . -4.99 -2.70 2.57
C05 A1ASQ C . -5.88 -3.65 3.05
C06 A1ASQ C . -6.46 -3.44 4.28
C07 A1ASQ C . -7.43 -4.49 4.81
F08 A1ASQ C . -8.71 -4.00 4.78
F09 A1ASQ C . -7.09 -4.81 6.10
F10 A1ASQ C . -7.35 -5.61 4.04
N03 A1ASQ C . -4.35 -2.85 1.29
N14 A1ASQ C . -3.76 -0.66 2.72
N17 A1ASQ C . -2.89 0.97 1.62
N19 A1ASQ C . -4.27 -2.96 -1.15
O01 A1ASQ C . -6.26 -2.63 0.00
CL24 A1ASQ C . -1.98 -7.81 -1.15
#